data_2P15
#
_entry.id   2P15
#
_cell.length_a   56.052
_cell.length_b   84.220
_cell.length_c   58.693
_cell.angle_alpha   90.00
_cell.angle_beta   109.59
_cell.angle_gamma   90.00
#
_symmetry.space_group_name_H-M   'P 1 21 1'
#
loop_
_entity.id
_entity.type
_entity.pdbx_description
1 polymer 'Estrogen receptor'
2 polymer 'GRIP peptide'
3 non-polymer (17BETA)-17-{(E)-2-[2-(TRIFLUOROMETHYL)PHENYL]VINYL}ESTRA-1(10),2,4-TRIENE-3,17-DIOL
4 water water
#
loop_
_entity_poly.entity_id
_entity_poly.type
_entity_poly.pdbx_seq_one_letter_code
_entity_poly.pdbx_strand_id
1 'polypeptide(L)'
;SIKRSKKNSLALSLTADQMVSALLDAEPPILYSEYDPTRPFSEASMMGLLTNLADRELVHMINWAKRVPGFVDLTLHDQV
HLLECAWLEILMIGLVWRSMEHPGKLLFAPNLLLDRNQGKCVEGMVEIFDMLLATSSRFRMMNLQGEEFVCLKSIILLNS
GVYTFLSSTLKSLEEKDHIHRVLDKITDTLIHLMAKAGLTLQQQHQRLAQLLLILSHIRHMSNKGMEHLYSMKCKNVVPL
SDLLLEMLDAHRLHAPTS
;
A,B
2 'polypeptide(L)' KHKILHRLLQDSS C,D
#
loop_
_chem_comp.id
_chem_comp.type
_chem_comp.name
_chem_comp.formula
EZT non-polymer (17BETA)-17-{(E)-2-[2-(TRIFLUOROMETHYL)PHENYL]VINYL}ESTRA-1(10),2,4-TRIENE-3,17-DIOL 'C27 H29 F3 O2'
#
# COMPACT_ATOMS: atom_id res chain seq x y z
N SER A 9 -14.22 24.77 1.35
CA SER A 9 -15.29 24.79 0.31
C SER A 9 -14.75 25.36 -0.99
N LEU A 10 -13.74 26.21 -0.90
CA LEU A 10 -13.06 26.70 -2.09
C LEU A 10 -12.44 25.55 -2.88
N ALA A 11 -11.86 24.57 -2.18
CA ALA A 11 -11.25 23.41 -2.83
C ALA A 11 -12.20 22.64 -3.75
N LEU A 12 -13.45 22.49 -3.29
CA LEU A 12 -14.44 21.67 -3.99
C LEU A 12 -15.01 22.35 -5.23
N SER A 13 -14.71 23.63 -5.41
CA SER A 13 -15.17 24.37 -6.58
C SER A 13 -14.09 24.63 -7.64
N LEU A 14 -12.85 24.20 -7.37
CA LEU A 14 -11.77 24.32 -8.36
C LEU A 14 -12.06 23.51 -9.63
N THR A 15 -11.73 24.07 -10.76
CA THR A 15 -11.73 23.28 -11.99
C THR A 15 -10.49 22.38 -12.01
N ALA A 16 -10.47 21.39 -12.90
CA ALA A 16 -9.29 20.56 -13.13
C ALA A 16 -8.04 21.40 -13.39
N ASP A 17 -8.13 22.37 -14.30
CA ASP A 17 -7.00 23.26 -14.58
C ASP A 17 -6.51 24.09 -13.38
N GLN A 18 -7.45 24.64 -12.62
CA GLN A 18 -7.11 25.36 -11.37
C GLN A 18 -6.46 24.48 -10.31
N MET A 19 -6.88 23.22 -10.22
CA MET A 19 -6.26 22.26 -9.29
C MET A 19 -4.81 22.01 -9.66
N VAL A 20 -4.54 21.73 -10.92
CA VAL A 20 -3.17 21.53 -11.41
C VAL A 20 -2.31 22.77 -11.13
N SER A 21 -2.86 23.95 -11.44
CA SER A 21 -2.13 25.20 -11.22
C SER A 21 -1.79 25.37 -9.77
N ALA A 22 -2.78 25.15 -8.89
CA ALA A 22 -2.58 25.23 -7.45
C ALA A 22 -1.49 24.25 -6.99
N LEU A 23 -1.59 22.99 -7.42
CA LEU A 23 -0.60 21.98 -7.03
C LEU A 23 0.80 22.30 -7.56
N LEU A 24 0.90 22.74 -8.81
CA LEU A 24 2.19 23.12 -9.39
C LEU A 24 2.81 24.29 -8.61
N ASP A 25 1.98 25.27 -8.25
CA ASP A 25 2.44 26.45 -7.52
CA ASP A 25 2.44 26.44 -7.51
C ASP A 25 2.90 26.13 -6.10
N ALA A 26 2.27 25.12 -5.48
CA ALA A 26 2.66 24.66 -4.13
C ALA A 26 3.99 23.94 -4.04
N GLU A 27 4.59 23.56 -5.17
CA GLU A 27 5.71 22.61 -5.16
C GLU A 27 6.88 23.12 -4.33
N PRO A 28 7.46 22.24 -3.49
CA PRO A 28 8.59 22.68 -2.67
C PRO A 28 9.87 22.77 -3.51
N PRO A 29 10.91 23.44 -3.00
CA PRO A 29 12.15 23.54 -3.75
C PRO A 29 12.93 22.24 -3.74
N ILE A 30 13.86 22.09 -4.68
CA ILE A 30 14.76 20.97 -4.62
C ILE A 30 15.98 21.37 -3.77
N LEU A 31 16.22 20.66 -2.67
CA LEU A 31 17.27 21.06 -1.74
C LEU A 31 18.60 20.41 -2.07
N TYR A 32 19.70 20.99 -1.58
CA TYR A 32 21.01 20.41 -1.75
C TYR A 32 21.49 19.67 -0.53
N SER A 33 22.39 18.73 -0.78
CA SER A 33 23.20 18.12 0.25
C SER A 33 24.46 18.99 0.51
N GLU A 34 25.37 18.51 1.36
CA GLU A 34 26.66 19.13 1.63
C GLU A 34 27.62 19.15 0.44
N TYR A 35 28.34 20.26 0.27
CA TYR A 35 29.16 20.43 -0.93
C TYR A 35 30.55 19.81 -0.74
N ARG A 39 35.07 12.16 1.20
CA ARG A 39 35.40 11.64 -0.13
C ARG A 39 34.99 10.17 -0.30
N PRO A 40 35.58 9.23 0.49
CA PRO A 40 34.88 7.97 0.73
C PRO A 40 33.83 8.05 1.86
N PHE A 41 32.56 7.79 1.52
CA PHE A 41 31.43 7.72 2.47
C PHE A 41 31.54 6.62 3.53
N SER A 42 31.06 6.89 4.75
CA SER A 42 30.88 5.86 5.77
C SER A 42 29.39 5.73 6.10
N GLU A 43 29.03 4.76 6.93
CA GLU A 43 27.64 4.56 7.38
C GLU A 43 27.13 5.76 8.16
N ALA A 44 27.93 6.27 9.09
CA ALA A 44 27.56 7.48 9.84
C ALA A 44 27.42 8.71 8.93
N SER A 45 28.34 8.88 7.97
CA SER A 45 28.38 10.11 7.17
C SER A 45 27.23 10.13 6.16
N MET A 46 27.00 9.00 5.50
CA MET A 46 25.92 8.89 4.55
C MET A 46 24.56 9.00 5.25
N MET A 47 24.37 8.33 6.37
CA MET A 47 23.10 8.48 7.10
C MET A 47 22.90 9.91 7.57
N GLY A 48 24.00 10.57 7.97
CA GLY A 48 23.98 11.98 8.30
C GLY A 48 23.48 12.85 7.16
N LEU A 49 24.04 12.68 5.97
CA LEU A 49 23.67 13.49 4.84
C LEU A 49 22.18 13.27 4.48
N LEU A 50 21.76 12.01 4.47
CA LEU A 50 20.39 11.67 4.07
C LEU A 50 19.37 12.15 5.09
N THR A 51 19.69 12.03 6.38
CA THR A 51 18.72 12.45 7.41
C THR A 51 18.72 13.98 7.62
N ASN A 52 19.87 14.62 7.41
CA ASN A 52 19.94 16.09 7.46
C ASN A 52 19.10 16.66 6.30
N LEU A 53 19.20 16.04 5.12
CA LEU A 53 18.39 16.45 3.95
C LEU A 53 16.88 16.23 4.22
N ALA A 54 16.52 15.02 4.65
CA ALA A 54 15.11 14.69 4.95
C ALA A 54 14.52 15.69 5.95
N ASP A 55 15.31 16.08 6.95
CA ASP A 55 14.82 17.00 7.97
C ASP A 55 14.54 18.41 7.37
N ARG A 56 15.43 18.86 6.51
CA ARG A 56 15.23 20.17 5.88
C ARG A 56 14.03 20.12 4.94
N GLU A 57 13.87 19.01 4.22
CA GLU A 57 12.72 18.83 3.34
C GLU A 57 11.41 18.79 4.11
N LEU A 58 11.40 18.17 5.29
CA LEU A 58 10.17 18.08 6.06
C LEU A 58 9.59 19.48 6.36
N VAL A 59 10.44 20.44 6.70
CA VAL A 59 9.95 21.80 6.94
C VAL A 59 9.20 22.34 5.70
N HIS A 60 9.79 22.14 4.53
CA HIS A 60 9.17 22.55 3.25
C HIS A 60 7.90 21.75 2.94
N MET A 61 7.88 20.48 3.31
CA MET A 61 6.72 19.62 3.10
C MET A 61 5.51 20.17 3.89
N ILE A 62 5.75 20.64 5.11
CA ILE A 62 4.66 21.15 5.94
C ILE A 62 3.98 22.33 5.22
N ASN A 63 4.81 23.22 4.70
CA ASN A 63 4.31 24.38 4.03
C ASN A 63 3.64 24.06 2.68
N TRP A 64 4.16 23.06 1.96
CA TRP A 64 3.49 22.49 0.80
C TRP A 64 2.10 21.93 1.15
N ALA A 65 2.02 21.12 2.21
CA ALA A 65 0.76 20.48 2.60
C ALA A 65 -0.31 21.56 2.84
N LYS A 66 0.07 22.64 3.53
CA LYS A 66 -0.88 23.74 3.78
C LYS A 66 -1.42 24.34 2.48
N ARG A 67 -0.71 24.14 1.37
CA ARG A 67 -1.13 24.69 0.08
CA ARG A 67 -1.11 24.68 0.06
C ARG A 67 -1.87 23.71 -0.83
N VAL A 68 -2.01 22.46 -0.38
CA VAL A 68 -2.77 21.44 -1.12
C VAL A 68 -4.24 21.77 -0.85
N PRO A 69 -5.04 21.99 -1.91
CA PRO A 69 -6.43 22.42 -1.72
C PRO A 69 -7.18 21.47 -0.80
N GLY A 70 -7.86 22.03 0.22
CA GLY A 70 -8.63 21.28 1.19
C GLY A 70 -7.93 20.98 2.50
N PHE A 71 -6.59 20.97 2.50
CA PHE A 71 -5.82 20.52 3.68
C PHE A 71 -6.06 21.42 4.91
N VAL A 72 -5.98 22.74 4.74
CA VAL A 72 -6.17 23.63 5.86
C VAL A 72 -7.64 23.72 6.32
N ASP A 73 -8.56 23.05 5.59
CA ASP A 73 -9.97 22.99 6.05
C ASP A 73 -10.08 22.00 7.21
N LEU A 74 -9.11 21.10 7.31
CA LEU A 74 -9.10 20.05 8.33
C LEU A 74 -8.63 20.56 9.68
N THR A 75 -9.02 19.88 10.76
CA THR A 75 -8.53 20.28 12.09
C THR A 75 -7.01 20.13 12.15
N LEU A 76 -6.39 20.85 13.08
CA LEU A 76 -4.96 20.70 13.27
C LEU A 76 -4.60 19.26 13.63
N HIS A 77 -5.41 18.62 14.48
CA HIS A 77 -5.21 17.22 14.84
C HIS A 77 -5.15 16.34 13.59
N ASP A 78 -6.10 16.53 12.68
CA ASP A 78 -6.13 15.72 11.44
C ASP A 78 -5.01 16.00 10.44
N GLN A 79 -4.60 17.27 10.31
CA GLN A 79 -3.40 17.61 9.53
C GLN A 79 -2.13 16.93 10.05
N VAL A 80 -1.93 16.97 11.38
CA VAL A 80 -0.83 16.23 12.00
C VAL A 80 -0.87 14.75 11.65
N HIS A 81 -2.06 14.15 11.81
CA HIS A 81 -2.20 12.72 11.55
C HIS A 81 -1.85 12.35 10.11
N LEU A 82 -2.33 13.14 9.14
CA LEU A 82 -2.05 12.84 7.73
C LEU A 82 -0.56 12.95 7.41
N LEU A 83 0.08 14.02 7.89
CA LEU A 83 1.52 14.17 7.66
C LEU A 83 2.37 13.12 8.40
N GLU A 84 2.04 12.81 9.66
CA GLU A 84 2.73 11.72 10.38
C GLU A 84 2.68 10.40 9.60
N CYS A 85 1.52 10.08 9.02
CA CYS A 85 1.36 8.83 8.28
CA CYS A 85 1.37 8.83 8.27
C CYS A 85 2.12 8.87 6.93
N ALA A 86 2.04 10.01 6.24
CA ALA A 86 2.48 10.11 4.88
C ALA A 86 3.91 10.58 4.59
N TRP A 87 4.65 11.07 5.61
CA TRP A 87 5.80 11.91 5.30
C TRP A 87 6.87 11.15 4.50
N LEU A 88 7.12 9.89 4.85
CA LEU A 88 8.18 9.14 4.16
C LEU A 88 7.74 8.73 2.73
N GLU A 89 6.46 8.42 2.55
CA GLU A 89 5.92 8.15 1.20
C GLU A 89 6.10 9.38 0.30
N ILE A 90 5.87 10.55 0.90
CA ILE A 90 5.96 11.83 0.18
C ILE A 90 7.41 12.14 -0.16
N LEU A 91 8.30 11.94 0.80
CA LEU A 91 9.75 12.02 0.48
C LEU A 91 10.13 11.06 -0.64
N MET A 92 9.67 9.80 -0.56
CA MET A 92 10.04 8.81 -1.58
C MET A 92 9.51 9.09 -2.96
N ILE A 93 8.26 9.52 -3.06
CA ILE A 93 7.69 9.79 -4.41
C ILE A 93 8.46 10.99 -5.03
N GLY A 94 8.84 11.98 -4.21
CA GLY A 94 9.65 13.10 -4.69
C GLY A 94 11.01 12.59 -5.17
N LEU A 95 11.65 11.72 -4.40
CA LEU A 95 12.94 11.13 -4.80
C LEU A 95 12.86 10.36 -6.14
N VAL A 96 11.88 9.48 -6.25
CA VAL A 96 11.66 8.68 -7.46
C VAL A 96 11.39 9.60 -8.68
N TRP A 97 10.57 10.63 -8.48
CA TRP A 97 10.36 11.65 -9.52
C TRP A 97 11.66 12.34 -9.96
N ARG A 98 12.45 12.86 -9.03
CA ARG A 98 13.75 13.51 -9.37
C ARG A 98 14.69 12.55 -10.11
N SER A 99 14.57 11.27 -9.79
CA SER A 99 15.46 10.22 -10.33
C SER A 99 15.02 9.64 -11.67
N MET A 100 13.84 10.04 -12.14
CA MET A 100 13.20 9.46 -13.35
C MET A 100 14.15 9.44 -14.54
N GLU A 101 14.77 10.57 -14.80
CA GLU A 101 15.61 10.75 -15.98
C GLU A 101 17.08 10.33 -15.75
N HIS A 102 17.35 9.62 -14.65
CA HIS A 102 18.69 9.13 -14.32
C HIS A 102 18.62 7.64 -14.05
N PRO A 103 18.41 6.80 -15.11
CA PRO A 103 18.33 5.34 -14.97
C PRO A 103 19.43 4.76 -14.06
N GLY A 104 19.03 3.93 -13.08
CA GLY A 104 19.99 3.26 -12.21
C GLY A 104 20.54 4.09 -11.05
N LYS A 105 20.14 5.36 -10.97
CA LYS A 105 20.59 6.24 -9.88
C LYS A 105 19.43 6.82 -9.10
N LEU A 106 19.74 7.24 -7.87
CA LEU A 106 18.78 7.94 -7.03
C LEU A 106 19.34 9.33 -6.78
N LEU A 107 18.59 10.32 -7.23
CA LEU A 107 19.01 11.72 -7.09
C LEU A 107 18.40 12.27 -5.83
N PHE A 108 19.09 12.03 -4.72
CA PHE A 108 18.63 12.58 -3.43
C PHE A 108 18.65 14.12 -3.46
N ALA A 109 19.72 14.62 -4.05
CA ALA A 109 19.92 16.05 -4.27
C ALA A 109 20.73 16.19 -5.56
N PRO A 110 20.78 17.39 -6.16
CA PRO A 110 21.57 17.52 -7.37
C PRO A 110 23.06 17.20 -7.15
N ASN A 111 23.56 17.42 -5.93
CA ASN A 111 24.95 17.09 -5.59
C ASN A 111 25.07 15.83 -4.73
N LEU A 112 24.02 14.99 -4.73
CA LEU A 112 24.06 13.69 -4.05
C LEU A 112 23.32 12.66 -4.87
N LEU A 113 24.00 12.10 -5.86
CA LEU A 113 23.36 11.15 -6.76
C LEU A 113 24.06 9.83 -6.51
N LEU A 114 23.29 8.84 -6.08
CA LEU A 114 23.82 7.55 -5.64
C LEU A 114 23.51 6.42 -6.65
N ASP A 115 24.49 5.55 -6.90
CA ASP A 115 24.20 4.41 -7.74
C ASP A 115 24.46 3.07 -6.99
N ARG A 116 23.97 1.97 -7.55
CA ARG A 116 24.20 0.64 -6.98
C ARG A 116 25.66 0.18 -7.22
N ASN A 117 26.26 0.63 -8.33
CA ASN A 117 27.68 0.35 -8.62
C ASN A 117 28.63 0.70 -7.44
N GLN A 118 28.38 1.85 -6.82
CA GLN A 118 29.05 2.25 -5.57
C GLN A 118 28.94 1.18 -4.49
N GLY A 119 30.07 0.92 -3.84
CA GLY A 119 30.09 0.04 -2.66
C GLY A 119 29.13 0.55 -1.60
N LYS A 120 28.33 -0.35 -1.03
CA LYS A 120 27.36 0.06 0.01
C LYS A 120 28.09 0.53 1.27
N CYS A 121 27.67 1.67 1.78
CA CYS A 121 28.31 2.22 2.96
C CYS A 121 27.38 2.14 4.18
N VAL A 122 26.09 1.82 3.92
CA VAL A 122 25.06 1.67 4.94
C VAL A 122 24.47 0.25 4.95
N GLU A 123 24.47 -0.43 6.09
CA GLU A 123 23.90 -1.78 6.18
C GLU A 123 22.37 -1.77 6.08
N GLY A 124 21.81 -2.78 5.45
CA GLY A 124 20.37 -2.97 5.46
C GLY A 124 19.51 -2.22 4.45
N MET A 125 20.11 -1.46 3.53
CA MET A 125 19.30 -0.63 2.66
C MET A 125 19.26 -1.02 1.18
N VAL A 126 19.92 -2.11 0.80
CA VAL A 126 19.96 -2.51 -0.62
C VAL A 126 18.57 -2.84 -1.17
N GLU A 127 17.71 -3.52 -0.37
CA GLU A 127 16.38 -3.89 -0.85
C GLU A 127 15.58 -2.62 -1.09
N ILE A 128 15.71 -1.65 -0.18
CA ILE A 128 14.96 -0.40 -0.31
C ILE A 128 15.49 0.38 -1.52
N PHE A 129 16.82 0.46 -1.66
CA PHE A 129 17.44 1.06 -2.83
C PHE A 129 16.88 0.48 -4.16
N ASP A 130 16.89 -0.84 -4.28
CA ASP A 130 16.38 -1.48 -5.47
C ASP A 130 14.88 -1.22 -5.70
N MET A 131 14.08 -1.18 -4.63
CA MET A 131 12.66 -0.88 -4.81
C MET A 131 12.40 0.54 -5.34
N LEU A 132 13.20 1.48 -4.84
CA LEU A 132 13.12 2.89 -5.26
C LEU A 132 13.49 3.03 -6.72
N LEU A 133 14.56 2.35 -7.11
CA LEU A 133 14.99 2.32 -8.51
C LEU A 133 13.91 1.72 -9.42
N ALA A 134 13.30 0.63 -8.99
CA ALA A 134 12.23 -0.01 -9.75
C ALA A 134 11.03 0.92 -9.94
N THR A 135 10.69 1.69 -8.92
CA THR A 135 9.61 2.68 -9.04
C THR A 135 9.95 3.77 -10.05
N SER A 136 11.19 4.26 -10.04
CA SER A 136 11.60 5.33 -10.95
CA SER A 136 11.57 5.34 -10.96
C SER A 136 11.53 4.80 -12.37
N SER A 137 11.98 3.56 -12.55
CA SER A 137 11.91 2.91 -13.86
C SER A 137 10.47 2.72 -14.33
N ARG A 138 9.57 2.38 -13.41
CA ARG A 138 8.15 2.24 -13.76
C ARG A 138 7.59 3.58 -14.23
N PHE A 139 7.85 4.64 -13.46
CA PHE A 139 7.46 5.99 -13.85
C PHE A 139 8.03 6.36 -15.22
N ARG A 140 9.30 6.02 -15.45
CA ARG A 140 9.95 6.29 -16.74
C ARG A 140 9.22 5.56 -17.87
N MET A 141 8.88 4.30 -17.66
CA MET A 141 8.24 3.47 -18.69
CA MET A 141 8.25 3.50 -18.70
C MET A 141 6.84 3.99 -19.03
N MET A 142 6.14 4.48 -18.00
CA MET A 142 4.82 5.07 -18.15
C MET A 142 4.86 6.49 -18.69
N ASN A 143 6.06 7.06 -18.81
CA ASN A 143 6.22 8.48 -19.14
C ASN A 143 5.37 9.39 -18.25
N LEU A 144 5.55 9.23 -16.93
CA LEU A 144 4.79 10.05 -15.96
C LEU A 144 5.08 11.52 -16.22
N GLN A 145 4.02 12.32 -16.26
CA GLN A 145 4.13 13.76 -16.50
C GLN A 145 4.14 14.51 -15.17
N GLY A 146 4.81 15.66 -15.14
CA GLY A 146 4.88 16.47 -13.92
C GLY A 146 3.52 16.80 -13.31
N GLU A 147 2.52 17.06 -14.14
CA GLU A 147 1.17 17.39 -13.65
C GLU A 147 0.49 16.18 -12.99
N GLU A 148 0.79 14.99 -13.51
CA GLU A 148 0.31 13.74 -12.90
C GLU A 148 1.01 13.50 -11.54
N PHE A 149 2.33 13.71 -11.50
CA PHE A 149 3.12 13.54 -10.32
C PHE A 149 2.57 14.37 -9.15
N VAL A 150 2.31 15.65 -9.37
CA VAL A 150 1.80 16.47 -8.25
C VAL A 150 0.42 16.00 -7.75
N CYS A 151 -0.42 15.48 -8.68
CA CYS A 151 -1.70 14.88 -8.26
C CYS A 151 -1.43 13.67 -7.34
N LEU A 152 -0.52 12.79 -7.74
CA LEU A 152 -0.28 11.57 -7.00
C LEU A 152 0.28 11.91 -5.62
N LYS A 153 1.14 12.92 -5.56
CA LYS A 153 1.73 13.29 -4.26
C LYS A 153 0.67 13.81 -3.28
N SER A 154 -0.28 14.60 -3.78
CA SER A 154 -1.38 15.07 -2.95
C SER A 154 -2.34 13.92 -2.57
N ILE A 155 -2.51 12.95 -3.46
CA ILE A 155 -3.36 11.78 -3.12
C ILE A 155 -2.73 11.04 -1.93
N ILE A 156 -1.40 10.88 -1.95
CA ILE A 156 -0.71 10.23 -0.84
C ILE A 156 -0.95 10.96 0.48
N LEU A 157 -0.78 12.29 0.50
CA LEU A 157 -1.00 13.08 1.72
C LEU A 157 -2.40 12.84 2.28
N LEU A 158 -3.40 12.90 1.41
CA LEU A 158 -4.80 12.81 1.87
C LEU A 158 -5.26 11.38 2.15
N ASN A 159 -4.73 10.42 1.39
CA ASN A 159 -5.19 9.02 1.45
C ASN A 159 -4.55 8.19 2.54
N SER A 160 -3.25 8.34 2.74
CA SER A 160 -2.53 7.34 3.47
C SER A 160 -3.04 7.18 4.93
N GLY A 161 -3.38 8.31 5.55
CA GLY A 161 -3.83 8.33 6.93
C GLY A 161 -5.33 8.39 7.15
N VAL A 162 -6.13 8.49 6.09
CA VAL A 162 -7.58 8.71 6.29
C VAL A 162 -8.27 7.49 6.93
N TYR A 163 -7.79 6.28 6.61
CA TYR A 163 -8.32 5.02 7.17
C TYR A 163 -8.06 4.82 8.66
N THR A 164 -7.12 5.57 9.22
CA THR A 164 -6.80 5.42 10.64
C THR A 164 -7.29 6.61 11.50
N PHE A 165 -8.18 7.41 10.91
CA PHE A 165 -9.09 8.26 11.69
C PHE A 165 -10.21 7.33 12.13
N LEU A 166 -10.17 6.93 13.38
CA LEU A 166 -11.13 5.95 13.89
C LEU A 166 -12.30 6.60 14.58
N SER A 167 -12.21 7.91 14.78
CA SER A 167 -13.24 8.63 15.50
C SER A 167 -14.58 8.55 14.78
N SER A 168 -15.63 8.36 15.57
CA SER A 168 -16.98 8.11 15.09
C SER A 168 -17.93 9.29 15.39
N THR A 169 -17.39 10.35 15.99
CA THR A 169 -18.17 11.56 16.23
C THR A 169 -18.56 12.20 14.91
N LEU A 170 -19.63 12.99 14.92
CA LEU A 170 -20.14 13.63 13.73
C LEU A 170 -19.10 14.49 13.05
N LYS A 171 -18.37 15.29 13.83
CA LYS A 171 -17.31 16.16 13.28
C LYS A 171 -16.28 15.35 12.52
N SER A 172 -15.89 14.20 13.08
CA SER A 172 -14.89 13.36 12.45
C SER A 172 -15.39 12.78 11.15
N LEU A 173 -16.66 12.38 11.12
CA LEU A 173 -17.24 11.80 9.91
C LEU A 173 -17.27 12.85 8.81
N GLU A 174 -17.56 14.10 9.20
CA GLU A 174 -17.60 15.21 8.25
C GLU A 174 -16.23 15.52 7.68
N GLU A 175 -15.23 15.34 8.54
CA GLU A 175 -13.84 15.53 8.19
C GLU A 175 -13.40 14.47 7.17
N LYS A 176 -13.76 13.20 7.42
CA LYS A 176 -13.42 12.11 6.48
C LYS A 176 -14.13 12.30 5.14
N ASP A 177 -15.39 12.68 5.21
CA ASP A 177 -16.21 13.01 4.05
C ASP A 177 -15.48 14.05 3.22
N HIS A 178 -15.00 15.11 3.86
CA HIS A 178 -14.34 16.19 3.16
C HIS A 178 -13.06 15.72 2.46
N ILE A 179 -12.28 14.90 3.16
CA ILE A 179 -11.02 14.36 2.57
C ILE A 179 -11.35 13.53 1.34
N HIS A 180 -12.37 12.71 1.45
CA HIS A 180 -12.79 11.89 0.31
C HIS A 180 -13.35 12.72 -0.85
N ARG A 181 -14.06 13.83 -0.56
CA ARG A 181 -14.54 14.75 -1.62
C ARG A 181 -13.34 15.41 -2.34
N VAL A 182 -12.31 15.81 -1.59
CA VAL A 182 -11.08 16.34 -2.21
C VAL A 182 -10.33 15.29 -3.03
N LEU A 183 -10.22 14.06 -2.51
CA LEU A 183 -9.59 12.98 -3.26
C LEU A 183 -10.31 12.76 -4.61
N ASP A 184 -11.65 12.83 -4.61
CA ASP A 184 -12.44 12.66 -5.84
C ASP A 184 -12.11 13.77 -6.84
N LYS A 185 -11.96 15.01 -6.34
CA LYS A 185 -11.52 16.13 -7.18
C LYS A 185 -10.13 15.90 -7.81
N ILE A 186 -9.22 15.33 -7.03
CA ILE A 186 -7.91 15.04 -7.57
C ILE A 186 -7.99 13.93 -8.63
N THR A 187 -8.83 12.93 -8.39
CA THR A 187 -9.07 11.89 -9.39
C THR A 187 -9.61 12.51 -10.67
N ASP A 188 -10.61 13.38 -10.54
CA ASP A 188 -11.16 14.15 -11.69
C ASP A 188 -10.03 14.87 -12.44
N THR A 189 -9.08 15.45 -11.70
CA THR A 189 -7.99 16.23 -12.30
C THR A 189 -7.07 15.31 -13.09
N LEU A 190 -6.72 14.15 -12.52
CA LEU A 190 -5.86 13.20 -13.23
C LEU A 190 -6.52 12.74 -14.51
N ILE A 191 -7.81 12.44 -14.44
CA ILE A 191 -8.49 11.95 -15.64
C ILE A 191 -8.55 13.05 -16.72
N HIS A 192 -8.73 14.28 -16.27
CA HIS A 192 -8.77 15.44 -17.17
C HIS A 192 -7.42 15.63 -17.86
N LEU A 193 -6.33 15.49 -17.11
CA LEU A 193 -5.01 15.52 -17.76
C LEU A 193 -4.85 14.45 -18.84
N MET A 194 -5.32 13.25 -18.55
CA MET A 194 -5.23 12.14 -19.51
C MET A 194 -6.12 12.37 -20.75
N ALA A 195 -7.32 12.89 -20.54
CA ALA A 195 -8.21 13.25 -21.63
C ALA A 195 -7.60 14.34 -22.53
N LYS A 196 -7.01 15.36 -21.90
CA LYS A 196 -6.29 16.43 -22.61
C LYS A 196 -5.14 15.88 -23.47
N ALA A 197 -4.50 14.85 -22.96
CA ALA A 197 -3.37 14.22 -23.65
C ALA A 197 -3.82 13.32 -24.79
N GLY A 198 -5.13 13.21 -25.00
CA GLY A 198 -5.66 12.43 -26.11
C GLY A 198 -5.94 10.96 -25.86
N LEU A 199 -5.81 10.51 -24.61
CA LEU A 199 -6.13 9.12 -24.30
C LEU A 199 -7.63 8.81 -24.48
N THR A 200 -7.95 7.63 -25.03
CA THR A 200 -9.33 7.16 -25.13
C THR A 200 -9.88 6.92 -23.70
N LEU A 201 -11.19 6.76 -23.56
CA LEU A 201 -11.77 6.48 -22.23
C LEU A 201 -11.17 5.23 -21.63
N GLN A 202 -11.02 4.18 -22.43
CA GLN A 202 -10.40 2.94 -21.95
C GLN A 202 -8.95 3.15 -21.46
N GLN A 203 -8.17 3.94 -22.21
CA GLN A 203 -6.79 4.20 -21.82
C GLN A 203 -6.71 5.04 -20.56
N GLN A 204 -7.65 5.96 -20.40
CA GLN A 204 -7.68 6.82 -19.22
C GLN A 204 -7.82 5.98 -17.97
N HIS A 205 -8.80 5.09 -17.97
CA HIS A 205 -9.11 4.29 -16.78
C HIS A 205 -7.96 3.33 -16.47
N GLN A 206 -7.39 2.74 -17.53
CA GLN A 206 -6.21 1.88 -17.38
C GLN A 206 -5.00 2.60 -16.76
N ARG A 207 -4.69 3.81 -17.25
CA ARG A 207 -3.57 4.55 -16.73
C ARG A 207 -3.85 5.01 -15.30
N LEU A 208 -5.07 5.47 -15.04
CA LEU A 208 -5.45 5.85 -13.68
C LEU A 208 -5.11 4.67 -12.73
N ALA A 209 -5.63 3.49 -13.05
CA ALA A 209 -5.36 2.29 -12.24
C ALA A 209 -3.86 1.98 -12.10
N GLN A 210 -3.11 2.06 -13.20
CA GLN A 210 -1.66 1.81 -13.18
C GLN A 210 -0.96 2.76 -12.19
N LEU A 211 -1.33 4.04 -12.23
CA LEU A 211 -0.72 5.00 -11.31
C LEU A 211 -1.09 4.75 -9.86
N LEU A 212 -2.37 4.45 -9.59
CA LEU A 212 -2.78 4.27 -8.18
C LEU A 212 -2.24 2.98 -7.58
N LEU A 213 -2.04 1.98 -8.42
CA LEU A 213 -1.43 0.72 -7.96
C LEU A 213 0.03 0.91 -7.54
N ILE A 214 0.73 1.84 -8.18
CA ILE A 214 2.12 2.20 -7.76
C ILE A 214 2.14 2.75 -6.33
N LEU A 215 1.07 3.43 -5.91
CA LEU A 215 1.03 3.96 -4.52
C LEU A 215 1.05 2.85 -3.46
N SER A 216 0.59 1.65 -3.82
CA SER A 216 0.68 0.50 -2.92
C SER A 216 2.14 0.06 -2.72
N HIS A 217 2.88 0.08 -3.81
CA HIS A 217 4.32 -0.14 -3.74
C HIS A 217 5.04 0.94 -2.92
N ILE A 218 4.72 2.19 -3.15
CA ILE A 218 5.28 3.29 -2.35
C ILE A 218 4.96 3.13 -0.85
N ARG A 219 3.73 2.71 -0.51
CA ARG A 219 3.41 2.41 0.90
C ARG A 219 4.35 1.32 1.46
N HIS A 220 4.48 0.23 0.70
CA HIS A 220 5.37 -0.85 1.06
C HIS A 220 6.80 -0.33 1.32
N MET A 221 7.32 0.48 0.43
CA MET A 221 8.68 1.03 0.62
C MET A 221 8.84 1.91 1.87
N SER A 222 7.85 2.76 2.10
CA SER A 222 7.80 3.62 3.31
C SER A 222 7.85 2.74 4.58
N ASN A 223 7.07 1.66 4.60
CA ASN A 223 7.05 0.74 5.73
C ASN A 223 8.44 0.14 5.94
N LYS A 224 9.07 -0.32 4.85
CA LYS A 224 10.43 -0.85 4.95
C LYS A 224 11.46 0.24 5.35
N GLY A 225 11.35 1.42 4.75
CA GLY A 225 12.24 2.52 5.08
C GLY A 225 12.11 2.96 6.54
N MET A 226 10.88 2.93 7.09
CA MET A 226 10.67 3.31 8.47
C MET A 226 11.38 2.34 9.43
N GLU A 227 11.28 1.04 9.15
CA GLU A 227 11.98 0.03 9.94
C GLU A 227 13.47 0.24 9.83
N HIS A 228 13.97 0.58 8.64
CA HIS A 228 15.43 0.78 8.45
C HIS A 228 15.93 1.98 9.26
N LEU A 229 15.23 3.10 9.13
CA LEU A 229 15.55 4.30 9.91
C LEU A 229 15.55 4.06 11.42
N TYR A 230 14.53 3.33 11.89
CA TYR A 230 14.45 2.90 13.29
C TYR A 230 15.66 2.09 13.70
N SER A 231 16.06 1.11 12.89
CA SER A 231 17.27 0.31 13.20
C SER A 231 18.53 1.20 13.28
N MET A 232 18.56 2.24 12.45
CA MET A 232 19.73 3.11 12.39
C MET A 232 19.77 4.02 13.60
N LYS A 233 18.59 4.43 14.06
CA LYS A 233 18.43 5.19 15.31
C LYS A 233 18.89 4.37 16.53
N CYS A 234 18.43 3.13 16.60
CA CYS A 234 18.78 2.21 17.69
C CYS A 234 20.28 1.90 17.74
N LYS A 235 20.89 1.77 16.57
CA LYS A 235 22.33 1.59 16.42
C LYS A 235 23.08 2.83 16.93
N ASN A 236 22.38 3.95 17.10
CA ASN A 236 22.99 5.23 17.46
C ASN A 236 24.05 5.69 16.44
N VAL A 237 23.86 5.33 15.17
CA VAL A 237 24.84 5.66 14.11
C VAL A 237 24.75 7.14 13.75
N VAL A 238 23.53 7.66 13.83
CA VAL A 238 23.19 9.00 13.35
C VAL A 238 22.42 9.77 14.42
N PRO A 239 22.83 11.01 14.69
CA PRO A 239 21.92 11.91 15.41
C PRO A 239 20.75 12.37 14.50
N LEU A 240 19.53 12.00 14.87
CA LEU A 240 18.36 12.43 14.13
C LEU A 240 17.81 13.68 14.74
N SER A 241 17.30 14.60 13.89
CA SER A 241 16.70 15.84 14.40
C SER A 241 15.48 15.55 15.29
N ASP A 242 15.16 16.47 16.19
CA ASP A 242 13.98 16.31 17.01
C ASP A 242 12.69 16.09 16.21
N LEU A 243 12.52 16.84 15.13
CA LEU A 243 11.33 16.67 14.28
C LEU A 243 11.28 15.29 13.62
N LEU A 244 12.43 14.85 13.11
CA LEU A 244 12.50 13.55 12.43
C LEU A 244 12.22 12.41 13.43
N LEU A 245 12.74 12.54 14.65
CA LEU A 245 12.46 11.54 15.67
C LEU A 245 10.97 11.48 16.00
N GLU A 246 10.30 12.63 16.01
CA GLU A 246 8.87 12.62 16.33
CA GLU A 246 8.87 12.67 16.31
C GLU A 246 8.04 12.05 15.18
N MET A 247 8.47 12.29 13.92
CA MET A 247 7.81 11.72 12.72
C MET A 247 8.00 10.22 12.71
N LEU A 248 9.21 9.79 13.08
CA LEU A 248 9.50 8.37 13.26
C LEU A 248 8.68 7.74 14.43
N ASP A 249 8.69 8.36 15.61
CA ASP A 249 7.94 7.89 16.77
C ASP A 249 6.44 7.72 16.52
N ALA A 250 5.87 8.51 15.61
CA ALA A 250 4.45 8.40 15.22
C ALA A 250 4.10 7.01 14.66
N HIS A 251 5.08 6.32 14.10
CA HIS A 251 4.84 5.03 13.50
C HIS A 251 4.93 3.83 14.49
N ARG A 252 5.17 4.10 15.76
CA ARG A 252 4.92 3.04 16.76
C ARG A 252 4.01 3.47 17.88
N LEU A 253 3.58 4.74 17.84
CA LEU A 253 2.72 5.33 18.86
C LEU A 253 1.29 4.77 18.76
N LEU B 10 -6.76 -17.96 -23.56
CA LEU B 10 -5.94 -16.83 -23.02
C LEU B 10 -6.80 -15.84 -22.23
N ALA B 11 -6.23 -15.32 -21.15
CA ALA B 11 -6.90 -14.34 -20.29
C ALA B 11 -7.21 -13.04 -21.01
N LEU B 12 -6.40 -12.73 -22.04
CA LEU B 12 -6.53 -11.45 -22.73
C LEU B 12 -7.75 -11.41 -23.62
N SER B 13 -8.28 -12.57 -23.98
CA SER B 13 -9.46 -12.63 -24.85
C SER B 13 -10.79 -12.78 -24.09
N LEU B 14 -10.74 -12.94 -22.78
CA LEU B 14 -11.95 -12.95 -21.97
C LEU B 14 -12.70 -11.61 -22.06
N THR B 15 -14.03 -11.67 -22.20
CA THR B 15 -14.87 -10.49 -22.05
C THR B 15 -14.91 -10.15 -20.58
N ALA B 16 -15.44 -8.98 -20.25
CA ALA B 16 -15.63 -8.57 -18.86
C ALA B 16 -16.53 -9.57 -18.14
N ASP B 17 -17.64 -9.95 -18.76
CA ASP B 17 -18.55 -10.89 -18.10
C ASP B 17 -17.87 -12.23 -17.86
N GLN B 18 -17.02 -12.64 -18.79
CA GLN B 18 -16.32 -13.90 -18.71
C GLN B 18 -15.23 -13.84 -17.64
N MET B 19 -14.61 -12.67 -17.45
CA MET B 19 -13.58 -12.49 -16.44
C MET B 19 -14.19 -12.65 -15.03
N VAL B 20 -15.33 -11.98 -14.85
CA VAL B 20 -16.06 -12.03 -13.57
C VAL B 20 -16.52 -13.46 -13.25
N SER B 21 -17.11 -14.15 -14.23
CA SER B 21 -17.49 -15.54 -14.07
C SER B 21 -16.31 -16.43 -13.67
N ALA B 22 -15.17 -16.25 -14.32
CA ALA B 22 -13.98 -17.00 -13.96
C ALA B 22 -13.56 -16.75 -12.50
N LEU B 23 -13.50 -15.48 -12.09
CA LEU B 23 -13.08 -15.15 -10.72
C LEU B 23 -14.07 -15.65 -9.69
N LEU B 24 -15.35 -15.46 -9.97
CA LEU B 24 -16.38 -15.95 -9.08
C LEU B 24 -16.36 -17.47 -8.89
N ASP B 25 -16.21 -18.24 -9.98
CA ASP B 25 -16.11 -19.70 -9.90
CA ASP B 25 -16.14 -19.69 -9.85
C ASP B 25 -14.85 -20.17 -9.15
N ALA B 26 -13.79 -19.35 -9.21
CA ALA B 26 -12.49 -19.67 -8.62
C ALA B 26 -12.46 -19.46 -7.10
N GLU B 27 -13.49 -18.84 -6.54
CA GLU B 27 -13.48 -18.46 -5.14
C GLU B 27 -13.24 -19.65 -4.20
N PRO B 28 -12.34 -19.46 -3.22
CA PRO B 28 -12.06 -20.53 -2.29
C PRO B 28 -13.21 -20.69 -1.31
N PRO B 29 -13.26 -21.84 -0.61
CA PRO B 29 -14.29 -22.05 0.41
C PRO B 29 -14.04 -21.25 1.68
N ILE B 30 -15.09 -21.05 2.44
CA ILE B 30 -14.95 -20.46 3.76
C ILE B 30 -14.66 -21.61 4.73
N LEU B 31 -13.53 -21.51 5.44
CA LEU B 31 -13.10 -22.64 6.31
C LEU B 31 -13.52 -22.36 7.76
N TYR B 32 -13.64 -23.41 8.59
CA TYR B 32 -13.99 -23.21 10.00
C TYR B 32 -12.71 -23.28 10.82
N SER B 33 -12.76 -22.66 11.99
CA SER B 33 -11.66 -22.71 12.94
CA SER B 33 -11.64 -22.72 12.92
C SER B 33 -11.78 -23.99 13.76
N GLU B 34 -10.73 -24.32 14.50
CA GLU B 34 -10.77 -25.44 15.43
C GLU B 34 -11.14 -24.91 16.80
N TYR B 35 -11.97 -23.87 16.85
CA TYR B 35 -12.32 -23.20 18.10
C TYR B 35 -12.87 -24.24 19.09
N ASP B 36 -12.34 -24.20 20.32
CA ASP B 36 -12.72 -25.08 21.41
C ASP B 36 -13.33 -24.24 22.56
N PRO B 37 -14.67 -24.22 22.64
CA PRO B 37 -15.36 -23.40 23.64
C PRO B 37 -15.31 -23.96 25.06
N THR B 38 -14.53 -25.02 25.29
CA THR B 38 -14.44 -25.63 26.63
C THR B 38 -13.52 -24.85 27.57
N ARG B 39 -12.65 -24.04 26.98
CA ARG B 39 -11.60 -23.36 27.75
C ARG B 39 -11.51 -21.89 27.33
N PRO B 40 -11.02 -21.03 28.24
CA PRO B 40 -10.86 -19.62 27.87
C PRO B 40 -9.69 -19.49 26.89
N PHE B 41 -9.63 -18.39 26.15
CA PHE B 41 -8.48 -18.17 25.28
C PHE B 41 -7.27 -17.75 26.11
N SER B 42 -6.08 -18.04 25.59
CA SER B 42 -4.88 -17.40 26.04
C SER B 42 -4.23 -16.76 24.81
N GLU B 43 -3.20 -15.97 25.00
CA GLU B 43 -2.46 -15.44 23.86
C GLU B 43 -2.03 -16.56 22.93
N ALA B 44 -1.50 -17.65 23.49
CA ALA B 44 -0.99 -18.76 22.70
C ALA B 44 -2.11 -19.50 21.96
N SER B 45 -3.21 -19.78 22.65
CA SER B 45 -4.29 -20.54 22.03
C SER B 45 -4.98 -19.73 20.91
N MET B 46 -5.17 -18.43 21.14
CA MET B 46 -5.77 -17.56 20.14
CA MET B 46 -5.78 -17.59 20.12
C MET B 46 -4.86 -17.52 18.91
N MET B 47 -3.57 -17.33 19.13
CA MET B 47 -2.63 -17.31 17.96
C MET B 47 -2.59 -18.66 17.26
N GLY B 48 -2.69 -19.76 18.02
CA GLY B 48 -2.71 -21.10 17.44
C GLY B 48 -3.92 -21.30 16.52
N LEU B 49 -5.09 -20.85 16.98
CA LEU B 49 -6.31 -20.94 16.17
C LEU B 49 -6.20 -20.15 14.87
N LEU B 50 -5.72 -18.92 14.98
CA LEU B 50 -5.60 -18.04 13.80
C LEU B 50 -4.55 -18.52 12.81
N THR B 51 -3.45 -19.04 13.31
CA THR B 51 -2.41 -19.47 12.36
C THR B 51 -2.72 -20.84 11.76
N ASN B 52 -3.42 -21.70 12.52
CA ASN B 52 -3.89 -22.95 11.98
C ASN B 52 -4.89 -22.72 10.84
N LEU B 53 -5.78 -21.76 11.05
CA LEU B 53 -6.76 -21.35 10.04
C LEU B 53 -6.06 -20.77 8.80
N ALA B 54 -5.15 -19.82 9.01
CA ALA B 54 -4.42 -19.19 7.92
C ALA B 54 -3.67 -20.25 7.08
N ASP B 55 -3.04 -21.22 7.75
CA ASP B 55 -2.32 -22.29 7.08
C ASP B 55 -3.23 -23.13 6.17
N ARG B 56 -4.39 -23.54 6.69
CA ARG B 56 -5.35 -24.30 5.88
C ARG B 56 -5.87 -23.45 4.72
N GLU B 57 -6.10 -22.15 4.95
CA GLU B 57 -6.50 -21.26 3.85
C GLU B 57 -5.44 -21.11 2.76
N LEU B 58 -4.18 -21.15 3.12
CA LEU B 58 -3.11 -20.98 2.14
C LEU B 58 -3.18 -22.02 1.06
N VAL B 59 -3.42 -23.27 1.43
CA VAL B 59 -3.54 -24.32 0.44
C VAL B 59 -4.64 -24.01 -0.60
N HIS B 60 -5.77 -23.48 -0.14
CA HIS B 60 -6.88 -23.12 -1.03
C HIS B 60 -6.57 -21.89 -1.89
N MET B 61 -5.77 -20.99 -1.30
CA MET B 61 -5.34 -19.77 -2.00
C MET B 61 -4.46 -20.13 -3.19
N ILE B 62 -3.63 -21.14 -3.00
CA ILE B 62 -2.70 -21.54 -4.02
C ILE B 62 -3.53 -22.03 -5.19
N ASN B 63 -4.56 -22.82 -4.87
CA ASN B 63 -5.40 -23.40 -5.90
C ASN B 63 -6.33 -22.36 -6.56
N TRP B 64 -6.73 -21.35 -5.79
CA TRP B 64 -7.40 -20.15 -6.33
C TRP B 64 -6.50 -19.34 -7.30
N ALA B 65 -5.25 -19.08 -6.92
CA ALA B 65 -4.33 -18.30 -7.76
C ALA B 65 -4.18 -18.95 -9.15
N LYS B 66 -4.09 -20.28 -9.15
CA LYS B 66 -3.96 -21.04 -10.40
C LYS B 66 -5.17 -20.85 -11.33
N ARG B 67 -6.30 -20.45 -10.76
CA ARG B 67 -7.51 -20.20 -11.54
C ARG B 67 -7.72 -18.73 -11.91
N VAL B 68 -6.86 -17.83 -11.43
CA VAL B 68 -6.92 -16.43 -11.81
C VAL B 68 -6.36 -16.32 -13.23
N PRO B 69 -7.17 -15.82 -14.19
CA PRO B 69 -6.75 -15.75 -15.59
C PRO B 69 -5.37 -15.14 -15.73
N GLY B 70 -4.50 -15.80 -16.50
CA GLY B 70 -3.13 -15.33 -16.69
C GLY B 70 -2.08 -15.83 -15.69
N PHE B 71 -2.46 -16.25 -14.48
CA PHE B 71 -1.45 -16.59 -13.44
C PHE B 71 -0.58 -17.80 -13.86
N VAL B 72 -1.19 -18.84 -14.42
CA VAL B 72 -0.39 -20.03 -14.74
C VAL B 72 0.50 -19.88 -15.99
N ASP B 73 0.34 -18.77 -16.74
CA ASP B 73 1.24 -18.45 -17.87
C ASP B 73 2.63 -18.08 -17.36
N LEU B 74 2.70 -17.66 -16.10
CA LEU B 74 3.94 -17.22 -15.47
C LEU B 74 4.83 -18.42 -15.15
N THR B 75 6.15 -18.19 -15.04
CA THR B 75 7.07 -19.25 -14.58
C THR B 75 6.75 -19.64 -13.14
N LEU B 76 7.14 -20.85 -12.72
CA LEU B 76 6.88 -21.24 -11.32
C LEU B 76 7.56 -20.26 -10.34
N HIS B 77 8.78 -19.81 -10.65
CA HIS B 77 9.49 -18.80 -9.84
CA HIS B 77 9.45 -18.84 -9.76
C HIS B 77 8.64 -17.55 -9.60
N ASP B 78 8.01 -17.08 -10.68
CA ASP B 78 7.25 -15.84 -10.63
C ASP B 78 5.93 -16.02 -9.85
N GLN B 79 5.28 -17.18 -10.01
CA GLN B 79 4.08 -17.52 -9.25
C GLN B 79 4.39 -17.55 -7.76
N VAL B 80 5.49 -18.22 -7.40
CA VAL B 80 5.99 -18.23 -6.02
C VAL B 80 6.18 -16.80 -5.51
N HIS B 81 6.87 -15.97 -6.30
CA HIS B 81 7.14 -14.60 -5.88
C HIS B 81 5.86 -13.81 -5.60
N LEU B 82 4.89 -13.85 -6.52
CA LEU B 82 3.63 -13.15 -6.30
C LEU B 82 2.86 -13.62 -5.04
N LEU B 83 2.75 -14.94 -4.87
CA LEU B 83 2.07 -15.43 -3.68
C LEU B 83 2.84 -15.10 -2.39
N GLU B 84 4.17 -15.22 -2.42
CA GLU B 84 4.97 -14.84 -1.25
C GLU B 84 4.76 -13.41 -0.86
N CYS B 85 4.72 -12.52 -1.86
CA CYS B 85 4.50 -11.10 -1.60
CA CYS B 85 4.49 -11.10 -1.57
C CYS B 85 3.07 -10.81 -1.07
N ALA B 86 2.07 -11.42 -1.71
CA ALA B 86 0.66 -11.07 -1.47
C ALA B 86 -0.15 -11.88 -0.47
N TRP B 87 0.37 -13.00 0.07
CA TRP B 87 -0.51 -13.91 0.77
C TRP B 87 -1.28 -13.28 1.94
N LEU B 88 -0.61 -12.44 2.72
CA LEU B 88 -1.30 -11.84 3.89
C LEU B 88 -2.30 -10.78 3.49
N GLU B 89 -1.96 -9.97 2.47
CA GLU B 89 -2.93 -9.08 1.88
C GLU B 89 -4.20 -9.83 1.43
N ILE B 90 -4.01 -10.98 0.80
CA ILE B 90 -5.14 -11.74 0.28
C ILE B 90 -5.98 -12.32 1.42
N LEU B 91 -5.32 -12.84 2.46
CA LEU B 91 -6.07 -13.30 3.65
C LEU B 91 -6.81 -12.13 4.25
N MET B 92 -6.17 -10.97 4.32
CA MET B 92 -6.82 -9.81 4.98
C MET B 92 -8.02 -9.29 4.19
N ILE B 93 -7.87 -9.17 2.87
CA ILE B 93 -9.02 -8.67 2.09
C ILE B 93 -10.23 -9.63 2.21
N GLY B 94 -9.95 -10.94 2.28
CA GLY B 94 -11.00 -11.97 2.46
C GLY B 94 -11.66 -11.78 3.83
N LEU B 95 -10.86 -11.61 4.87
CA LEU B 95 -11.39 -11.37 6.23
C LEU B 95 -12.28 -10.14 6.30
N VAL B 96 -11.80 -9.05 5.70
CA VAL B 96 -12.51 -7.78 5.73
C VAL B 96 -13.84 -7.93 4.95
N TRP B 97 -13.76 -8.59 3.80
CA TRP B 97 -15.00 -8.94 3.06
C TRP B 97 -16.05 -9.71 3.91
N ARG B 98 -15.65 -10.83 4.51
CA ARG B 98 -16.54 -11.68 5.33
C ARG B 98 -17.05 -10.91 6.54
N SER B 99 -16.29 -9.93 7.01
CA SER B 99 -16.68 -9.17 8.22
C SER B 99 -17.64 -8.00 7.94
N MET B 100 -17.91 -7.68 6.68
CA MET B 100 -18.65 -6.47 6.28
C MET B 100 -19.96 -6.33 7.03
N GLU B 101 -20.72 -7.42 7.08
CA GLU B 101 -22.04 -7.39 7.74
C GLU B 101 -21.99 -7.65 9.24
N HIS B 102 -20.80 -7.56 9.83
CA HIS B 102 -20.67 -7.73 11.28
C HIS B 102 -19.96 -6.54 11.92
N PRO B 103 -20.64 -5.37 12.01
CA PRO B 103 -20.00 -4.18 12.58
C PRO B 103 -19.36 -4.45 13.93
N GLY B 104 -18.15 -3.97 14.13
CA GLY B 104 -17.41 -4.14 15.38
C GLY B 104 -16.75 -5.49 15.60
N LYS B 105 -16.89 -6.41 14.64
CA LYS B 105 -16.32 -7.73 14.79
C LYS B 105 -15.59 -8.17 13.54
N LEU B 106 -14.72 -9.16 13.68
CA LEU B 106 -14.02 -9.76 12.53
C LEU B 106 -14.42 -11.24 12.45
N LEU B 107 -14.90 -11.65 11.27
CA LEU B 107 -15.35 -13.02 11.07
C LEU B 107 -14.21 -13.81 10.47
N PHE B 108 -13.32 -14.30 11.34
CA PHE B 108 -12.19 -15.11 10.87
C PHE B 108 -12.72 -16.39 10.30
N ALA B 109 -13.78 -16.90 10.94
CA ALA B 109 -14.47 -18.09 10.51
C ALA B 109 -15.89 -17.98 11.04
N PRO B 110 -16.83 -18.78 10.47
CA PRO B 110 -18.20 -18.76 11.00
C PRO B 110 -18.31 -19.09 12.49
N ASN B 111 -17.40 -19.93 12.98
CA ASN B 111 -17.35 -20.31 14.39
C ASN B 111 -16.27 -19.53 15.16
N LEU B 112 -15.74 -18.46 14.55
CA LEU B 112 -14.74 -17.61 15.20
C LEU B 112 -14.92 -16.14 14.81
N LEU B 113 -15.89 -15.49 15.46
CA LEU B 113 -16.22 -14.10 15.23
C LEU B 113 -15.74 -13.35 16.47
N LEU B 114 -14.75 -12.48 16.28
CA LEU B 114 -14.11 -11.82 17.42
C LEU B 114 -14.39 -10.32 17.45
N ASP B 115 -14.71 -9.78 18.65
CA ASP B 115 -14.71 -8.35 18.84
C ASP B 115 -13.33 -7.91 19.36
N ARG B 116 -13.11 -6.60 19.47
CA ARG B 116 -11.74 -6.13 19.71
C ARG B 116 -11.23 -6.44 21.12
N ASN B 117 -12.14 -6.72 22.05
CA ASN B 117 -11.78 -7.09 23.41
C ASN B 117 -11.40 -8.55 23.60
N GLN B 118 -11.92 -9.41 22.74
CA GLN B 118 -11.73 -10.87 22.92
C GLN B 118 -10.29 -11.37 22.79
N GLY B 119 -9.50 -10.72 21.96
CA GLY B 119 -8.09 -11.11 21.82
C GLY B 119 -7.11 -10.19 22.53
N LYS B 120 -7.58 -9.47 23.54
CA LYS B 120 -6.78 -8.46 24.20
C LYS B 120 -5.54 -9.04 24.91
N CYS B 121 -5.60 -10.35 25.22
CA CYS B 121 -4.45 -11.11 25.78
C CYS B 121 -3.26 -11.18 24.82
N VAL B 122 -3.53 -11.08 23.51
CA VAL B 122 -2.50 -11.16 22.47
C VAL B 122 -1.78 -9.83 22.33
N GLU B 123 -0.50 -9.82 22.66
CA GLU B 123 0.28 -8.59 22.65
C GLU B 123 0.33 -8.04 21.23
N GLY B 124 0.11 -6.74 21.08
CA GLY B 124 0.31 -6.06 19.80
C GLY B 124 -0.83 -6.21 18.81
N MET B 125 -1.90 -6.89 19.21
CA MET B 125 -2.97 -7.20 18.27
C MET B 125 -3.84 -5.95 17.91
N VAL B 126 -4.02 -5.04 18.88
CA VAL B 126 -5.15 -4.10 18.82
C VAL B 126 -5.06 -3.08 17.68
N GLU B 127 -3.84 -2.64 17.36
CA GLU B 127 -3.62 -1.73 16.23
C GLU B 127 -4.10 -2.36 14.93
N ILE B 128 -3.73 -3.62 14.73
CA ILE B 128 -4.10 -4.31 13.49
C ILE B 128 -5.60 -4.58 13.45
N PHE B 129 -6.17 -5.00 14.57
CA PHE B 129 -7.60 -5.29 14.65
C PHE B 129 -8.37 -4.03 14.23
N ASP B 130 -8.00 -2.91 14.83
CA ASP B 130 -8.61 -1.60 14.54
C ASP B 130 -8.54 -1.27 13.04
N MET B 131 -7.39 -1.49 12.41
CA MET B 131 -7.25 -1.19 10.95
C MET B 131 -8.13 -2.11 10.11
N LEU B 132 -8.18 -3.39 10.43
CA LEU B 132 -9.03 -4.35 9.71
C LEU B 132 -10.50 -3.96 9.84
N LEU B 133 -10.92 -3.63 11.06
CA LEU B 133 -12.29 -3.16 11.31
C LEU B 133 -12.61 -1.94 10.49
N ALA B 134 -11.65 -1.00 10.43
CA ALA B 134 -11.87 0.24 9.71
C ALA B 134 -12.05 -0.04 8.21
N THR B 135 -11.31 -1.01 7.70
CA THR B 135 -11.39 -1.34 6.28
C THR B 135 -12.73 -2.01 5.97
N SER B 136 -13.14 -2.93 6.84
CA SER B 136 -14.46 -3.55 6.68
C SER B 136 -15.59 -2.47 6.69
N SER B 137 -15.45 -1.48 7.57
CA SER B 137 -16.43 -0.38 7.67
C SER B 137 -16.46 0.43 6.36
N ARG B 138 -15.29 0.70 5.84
CA ARG B 138 -15.12 1.41 4.55
C ARG B 138 -15.79 0.67 3.38
N PHE B 139 -15.51 -0.65 3.26
CA PHE B 139 -16.20 -1.51 2.29
C PHE B 139 -17.72 -1.46 2.43
N ARG B 140 -18.21 -1.51 3.67
CA ARG B 140 -19.65 -1.45 3.92
C ARG B 140 -20.23 -0.13 3.45
N MET B 141 -19.61 0.97 3.86
CA MET B 141 -20.01 2.32 3.46
C MET B 141 -20.04 2.54 1.93
N MET B 142 -19.02 2.01 1.25
CA MET B 142 -18.95 2.01 -0.21
C MET B 142 -19.90 1.02 -0.87
N ASN B 143 -20.55 0.15 -0.08
CA ASN B 143 -21.38 -0.94 -0.60
CA ASN B 143 -21.40 -0.91 -0.62
C ASN B 143 -20.64 -1.79 -1.64
N LEU B 144 -19.47 -2.25 -1.25
CA LEU B 144 -18.65 -3.11 -2.12
C LEU B 144 -19.40 -4.38 -2.51
N GLN B 145 -19.40 -4.68 -3.81
CA GLN B 145 -20.09 -5.85 -4.35
C GLN B 145 -19.14 -7.00 -4.51
N GLY B 146 -19.67 -8.23 -4.43
CA GLY B 146 -18.82 -9.43 -4.60
C GLY B 146 -18.02 -9.47 -5.90
N GLU B 147 -18.63 -9.03 -7.00
CA GLU B 147 -17.94 -8.97 -8.30
C GLU B 147 -16.73 -8.02 -8.27
N GLU B 148 -16.87 -6.92 -7.54
CA GLU B 148 -15.78 -5.95 -7.32
C GLU B 148 -14.71 -6.55 -6.40
N PHE B 149 -15.15 -7.23 -5.36
CA PHE B 149 -14.24 -7.83 -4.39
C PHE B 149 -13.30 -8.80 -5.09
N VAL B 150 -13.86 -9.70 -5.88
CA VAL B 150 -13.01 -10.70 -6.57
C VAL B 150 -12.03 -10.06 -7.54
N CYS B 151 -12.43 -8.98 -8.21
CA CYS B 151 -11.49 -8.21 -9.04
C CYS B 151 -10.32 -7.64 -8.19
N LEU B 152 -10.66 -7.02 -7.05
CA LEU B 152 -9.63 -6.43 -6.16
C LEU B 152 -8.67 -7.46 -5.60
N LYS B 153 -9.20 -8.60 -5.18
CA LYS B 153 -8.35 -9.66 -4.67
C LYS B 153 -7.35 -10.15 -5.75
N SER B 154 -7.83 -10.27 -6.99
CA SER B 154 -6.96 -10.68 -8.08
C SER B 154 -5.90 -9.61 -8.44
N ILE B 155 -6.28 -8.34 -8.31
CA ILE B 155 -5.36 -7.23 -8.51
C ILE B 155 -4.24 -7.31 -7.46
N ILE B 156 -4.59 -7.61 -6.22
CA ILE B 156 -3.55 -7.74 -5.15
C ILE B 156 -2.56 -8.84 -5.54
N LEU B 157 -3.06 -9.98 -5.99
CA LEU B 157 -2.18 -11.09 -6.39
C LEU B 157 -1.17 -10.69 -7.47
N LEU B 158 -1.67 -10.07 -8.54
CA LEU B 158 -0.83 -9.71 -9.68
C LEU B 158 0.07 -8.51 -9.45
N ASN B 159 -0.40 -7.55 -8.67
CA ASN B 159 0.28 -6.24 -8.48
C ASN B 159 1.34 -6.22 -7.36
N SER B 160 1.08 -6.88 -6.24
CA SER B 160 1.92 -6.69 -5.06
C SER B 160 3.37 -7.04 -5.29
N GLY B 161 3.63 -8.12 -6.02
CA GLY B 161 5.01 -8.54 -6.22
C GLY B 161 5.63 -8.17 -7.55
N VAL B 162 4.86 -7.54 -8.45
CA VAL B 162 5.32 -7.27 -9.83
C VAL B 162 6.53 -6.32 -9.88
N TYR B 163 6.57 -5.39 -8.92
CA TYR B 163 7.60 -4.35 -8.89
C TYR B 163 8.91 -4.92 -8.41
N THR B 164 8.87 -6.06 -7.72
CA THR B 164 10.11 -6.69 -7.22
C THR B 164 10.55 -7.90 -8.05
N PHE B 165 10.16 -7.93 -9.34
CA PHE B 165 10.70 -8.87 -10.32
C PHE B 165 12.10 -8.44 -10.73
N THR B 169 16.22 -11.94 -17.93
CA THR B 169 16.27 -10.51 -18.24
C THR B 169 15.23 -10.16 -19.32
N LEU B 170 15.50 -10.54 -20.57
CA LEU B 170 14.50 -10.45 -21.64
C LEU B 170 13.18 -11.11 -21.20
N LYS B 171 13.32 -12.28 -20.58
CA LYS B 171 12.21 -13.08 -20.08
C LYS B 171 11.42 -12.37 -18.97
N SER B 172 12.14 -11.59 -18.15
CA SER B 172 11.55 -10.86 -17.03
C SER B 172 10.59 -9.79 -17.53
N LEU B 173 10.99 -9.09 -18.60
CA LEU B 173 10.21 -7.98 -19.16
C LEU B 173 8.90 -8.45 -19.75
N GLU B 174 8.92 -9.63 -20.38
CA GLU B 174 7.71 -10.22 -20.96
CA GLU B 174 7.73 -10.23 -20.97
C GLU B 174 6.77 -10.69 -19.87
N GLU B 175 7.33 -11.26 -18.79
CA GLU B 175 6.53 -11.67 -17.62
C GLU B 175 5.82 -10.46 -17.01
N LYS B 176 6.59 -9.38 -16.79
CA LYS B 176 6.07 -8.09 -16.33
C LYS B 176 4.98 -7.53 -17.27
N ASP B 177 5.26 -7.48 -18.57
CA ASP B 177 4.28 -6.96 -19.53
CA ASP B 177 4.29 -6.98 -19.56
C ASP B 177 2.99 -7.78 -19.48
N HIS B 178 3.13 -9.10 -19.37
CA HIS B 178 1.98 -9.98 -19.30
C HIS B 178 1.11 -9.65 -18.10
N ILE B 179 1.72 -9.52 -16.92
CA ILE B 179 1.01 -9.17 -15.69
C ILE B 179 0.28 -7.85 -15.89
N HIS B 180 0.97 -6.88 -16.48
CA HIS B 180 0.37 -5.58 -16.74
C HIS B 180 -0.83 -5.61 -17.69
N ARG B 181 -0.74 -6.41 -18.76
CA ARG B 181 -1.90 -6.62 -19.67
C ARG B 181 -3.10 -7.25 -18.95
N VAL B 182 -2.85 -8.18 -18.05
CA VAL B 182 -3.93 -8.82 -17.32
C VAL B 182 -4.59 -7.83 -16.33
N LEU B 183 -3.78 -7.11 -15.59
CA LEU B 183 -4.24 -6.03 -14.75
C LEU B 183 -5.12 -5.01 -15.49
N ASP B 184 -4.73 -4.68 -16.72
CA ASP B 184 -5.52 -3.75 -17.57
C ASP B 184 -6.90 -4.35 -17.85
N LYS B 185 -6.93 -5.66 -18.15
CA LYS B 185 -8.22 -6.35 -18.37
C LYS B 185 -9.10 -6.29 -17.11
N ILE B 186 -8.46 -6.40 -15.94
CA ILE B 186 -9.24 -6.37 -14.68
C ILE B 186 -9.78 -4.95 -14.47
N THR B 187 -8.97 -3.95 -14.78
CA THR B 187 -9.46 -2.54 -14.75
C THR B 187 -10.69 -2.39 -15.66
N ASP B 188 -10.59 -2.87 -16.91
CA ASP B 188 -11.71 -2.81 -17.85
C ASP B 188 -12.95 -3.48 -17.24
N THR B 189 -12.74 -4.60 -16.57
CA THR B 189 -13.80 -5.40 -15.97
C THR B 189 -14.50 -4.63 -14.84
N LEU B 190 -13.71 -4.00 -13.97
CA LEU B 190 -14.27 -3.21 -12.88
C LEU B 190 -15.13 -2.08 -13.43
N ILE B 191 -14.62 -1.43 -14.47
CA ILE B 191 -15.33 -0.29 -15.09
C ILE B 191 -16.64 -0.76 -15.71
N HIS B 192 -16.60 -1.87 -16.43
CA HIS B 192 -17.77 -2.47 -17.03
C HIS B 192 -18.82 -2.80 -15.98
N LEU B 193 -18.39 -3.32 -14.83
CA LEU B 193 -19.33 -3.67 -13.75
C LEU B 193 -20.02 -2.42 -13.22
N MET B 194 -19.23 -1.37 -13.01
CA MET B 194 -19.75 -0.08 -12.56
C MET B 194 -20.73 0.52 -13.54
N ALA B 195 -20.39 0.50 -14.82
CA ALA B 195 -21.29 0.98 -15.88
C ALA B 195 -22.59 0.20 -15.90
N LYS B 196 -22.48 -1.13 -15.85
CA LYS B 196 -23.68 -2.02 -15.86
C LYS B 196 -24.56 -1.72 -14.67
N ALA B 197 -23.94 -1.28 -13.56
CA ALA B 197 -24.69 -0.98 -12.34
C ALA B 197 -25.32 0.42 -12.34
N GLY B 198 -25.12 1.19 -13.40
CA GLY B 198 -25.75 2.50 -13.50
C GLY B 198 -24.94 3.71 -13.07
N LEU B 199 -23.67 3.51 -12.72
CA LEU B 199 -22.81 4.64 -12.33
C LEU B 199 -22.53 5.52 -13.55
N THR B 200 -22.55 6.83 -13.35
CA THR B 200 -22.16 7.77 -14.39
C THR B 200 -20.68 7.59 -14.73
N LEU B 201 -20.25 8.17 -15.85
CA LEU B 201 -18.88 8.06 -16.28
C LEU B 201 -17.93 8.64 -15.22
N GLN B 202 -18.29 9.77 -14.61
CA GLN B 202 -17.44 10.37 -13.56
C GLN B 202 -17.47 9.50 -12.30
N GLN B 203 -18.63 9.00 -11.90
CA GLN B 203 -18.68 8.08 -10.74
C GLN B 203 -17.84 6.81 -10.96
N GLN B 204 -17.78 6.32 -12.20
CA GLN B 204 -16.93 5.16 -12.49
C GLN B 204 -15.47 5.43 -12.15
N HIS B 205 -14.90 6.52 -12.66
CA HIS B 205 -13.49 6.77 -12.34
C HIS B 205 -13.26 7.11 -10.87
N GLN B 206 -14.21 7.79 -10.24
CA GLN B 206 -14.10 8.09 -8.81
C GLN B 206 -14.11 6.82 -7.95
N ARG B 207 -15.01 5.90 -8.26
CA ARG B 207 -15.11 4.67 -7.52
C ARG B 207 -13.88 3.79 -7.76
N LEU B 208 -13.40 3.74 -9.01
CA LEU B 208 -12.23 2.90 -9.32
C LEU B 208 -11.06 3.38 -8.44
N ALA B 209 -10.83 4.68 -8.40
CA ALA B 209 -9.75 5.26 -7.58
C ALA B 209 -9.97 4.94 -6.08
N GLN B 210 -11.20 5.06 -5.60
CA GLN B 210 -11.51 4.82 -4.18
C GLN B 210 -11.18 3.37 -3.83
N LEU B 211 -11.54 2.45 -4.71
CA LEU B 211 -11.30 1.04 -4.49
C LEU B 211 -9.79 0.75 -4.50
N LEU B 212 -9.09 1.32 -5.48
CA LEU B 212 -7.64 1.05 -5.61
C LEU B 212 -6.85 1.71 -4.50
N LEU B 213 -7.37 2.82 -3.99
CA LEU B 213 -6.68 3.51 -2.91
C LEU B 213 -6.74 2.72 -1.61
N ILE B 214 -7.80 1.94 -1.45
CA ILE B 214 -7.92 1.05 -0.28
C ILE B 214 -6.83 -0.01 -0.25
N LEU B 215 -6.35 -0.42 -1.45
CA LEU B 215 -5.29 -1.41 -1.58
C LEU B 215 -3.98 -0.93 -0.94
N SER B 216 -3.74 0.39 -0.94
CA SER B 216 -2.60 0.97 -0.21
CA SER B 216 -2.58 0.93 -0.21
C SER B 216 -2.70 0.69 1.30
N HIS B 217 -3.90 0.85 1.84
CA HIS B 217 -4.13 0.57 3.25
C HIS B 217 -4.03 -0.93 3.56
N ILE B 218 -4.48 -1.78 2.63
CA ILE B 218 -4.30 -3.24 2.79
C ILE B 218 -2.82 -3.63 2.81
N ARG B 219 -2.00 -2.99 1.96
CA ARG B 219 -0.55 -3.24 1.99
C ARG B 219 0.03 -2.88 3.35
N HIS B 220 -0.39 -1.72 3.86
CA HIS B 220 0.08 -1.22 5.13
C HIS B 220 -0.26 -2.23 6.22
N MET B 221 -1.50 -2.73 6.24
CA MET B 221 -1.96 -3.71 7.27
C MET B 221 -1.17 -5.01 7.20
N SER B 222 -0.93 -5.46 5.98
CA SER B 222 -0.13 -6.63 5.74
C SER B 222 1.29 -6.47 6.29
N ASN B 223 1.90 -5.34 6.04
CA ASN B 223 3.26 -5.09 6.54
C ASN B 223 3.27 -5.11 8.06
N LYS B 224 2.28 -4.49 8.67
CA LYS B 224 2.19 -4.49 10.14
C LYS B 224 1.86 -5.88 10.68
N GLY B 225 0.99 -6.60 9.98
CA GLY B 225 0.58 -7.94 10.41
C GLY B 225 1.73 -8.92 10.28
N MET B 226 2.58 -8.73 9.26
CA MET B 226 3.74 -9.61 9.09
C MET B 226 4.75 -9.43 10.25
N GLU B 227 4.98 -8.17 10.64
CA GLU B 227 5.83 -7.86 11.78
C GLU B 227 5.26 -8.42 13.09
N HIS B 228 3.95 -8.35 13.22
CA HIS B 228 3.28 -8.95 14.37
C HIS B 228 3.48 -10.48 14.44
N LEU B 229 3.15 -11.17 13.36
CA LEU B 229 3.38 -12.63 13.27
C LEU B 229 4.84 -13.01 13.53
N TYR B 230 5.77 -12.22 12.98
CA TYR B 230 7.19 -12.44 13.22
C TYR B 230 7.51 -12.33 14.73
N SER B 231 6.92 -11.33 15.41
CA SER B 231 7.16 -11.14 16.82
CA SER B 231 7.16 -11.14 16.82
C SER B 231 6.63 -12.34 17.61
N MET B 232 5.44 -12.84 17.24
CA MET B 232 4.89 -14.04 17.90
C MET B 232 5.78 -15.29 17.70
N LYS B 233 6.30 -15.47 16.49
CA LYS B 233 7.20 -16.58 16.21
C LYS B 233 8.49 -16.46 17.03
N CYS B 234 9.07 -15.25 17.03
CA CYS B 234 10.35 -14.99 17.67
C CYS B 234 10.28 -15.07 19.19
N LYS B 235 9.08 -14.94 19.73
CA LYS B 235 8.79 -15.12 21.16
C LYS B 235 8.30 -16.53 21.53
N ASN B 236 8.30 -17.43 20.56
CA ASN B 236 7.88 -18.82 20.78
C ASN B 236 6.46 -18.89 21.33
N VAL B 237 5.60 -18.00 20.84
CA VAL B 237 4.21 -17.99 21.29
C VAL B 237 3.43 -19.15 20.69
N VAL B 238 3.70 -19.41 19.41
CA VAL B 238 2.92 -20.34 18.61
C VAL B 238 3.90 -21.04 17.67
N PRO B 239 3.71 -22.33 17.45
CA PRO B 239 4.50 -22.98 16.41
C PRO B 239 3.84 -22.76 15.06
N LEU B 240 4.58 -22.20 14.11
CA LEU B 240 4.05 -22.03 12.77
C LEU B 240 4.30 -23.26 11.91
N SER B 241 3.33 -23.57 11.04
CA SER B 241 3.47 -24.67 10.10
C SER B 241 4.63 -24.37 9.18
N ASP B 242 5.15 -25.40 8.51
CA ASP B 242 6.28 -25.20 7.62
C ASP B 242 5.96 -24.20 6.50
N LEU B 243 4.77 -24.30 5.93
CA LEU B 243 4.41 -23.42 4.84
C LEU B 243 4.38 -21.94 5.30
N LEU B 244 3.73 -21.70 6.45
CA LEU B 244 3.63 -20.36 7.03
CA LEU B 244 3.61 -20.37 7.00
C LEU B 244 4.98 -19.78 7.37
N LEU B 245 5.85 -20.61 7.94
CA LEU B 245 7.22 -20.25 8.17
C LEU B 245 7.91 -19.82 6.87
N GLU B 246 7.69 -20.56 5.78
CA GLU B 246 8.28 -20.16 4.50
C GLU B 246 7.72 -18.85 3.91
N MET B 247 6.40 -18.66 4.03
CA MET B 247 5.74 -17.46 3.55
C MET B 247 6.27 -16.25 4.33
N LEU B 248 6.46 -16.45 5.64
CA LEU B 248 6.95 -15.39 6.53
C LEU B 248 8.43 -15.08 6.23
N ASP B 249 9.23 -16.14 6.10
CA ASP B 249 10.66 -16.00 5.77
CA ASP B 249 10.66 -16.02 5.75
C ASP B 249 10.92 -15.27 4.45
N ALA B 250 9.95 -15.31 3.52
CA ALA B 250 10.09 -14.61 2.23
C ALA B 250 10.15 -13.09 2.39
N HIS B 251 9.64 -12.63 3.53
CA HIS B 251 9.59 -11.19 3.80
C HIS B 251 10.84 -10.65 4.47
N ARG B 252 11.75 -11.56 4.84
CA ARG B 252 13.11 -11.21 5.27
C ARG B 252 13.07 -10.09 6.32
N LEU B 253 12.27 -10.31 7.37
CA LEU B 253 12.01 -9.31 8.42
C LEU B 253 13.07 -9.35 9.51
N HIS B 254 13.13 -8.27 10.30
CA HIS B 254 13.92 -8.21 11.53
C HIS B 254 13.03 -7.71 12.68
N HIS C 2 5.27 14.70 18.45
CA HIS C 2 3.93 15.25 18.04
C HIS C 2 3.85 16.77 18.13
N LYS C 3 4.49 17.35 19.14
CA LYS C 3 4.37 18.79 19.40
C LYS C 3 5.03 19.66 18.32
N ILE C 4 6.25 19.30 17.88
CA ILE C 4 6.95 20.10 16.85
C ILE C 4 6.14 20.25 15.56
N LEU C 5 5.64 19.14 15.04
CA LEU C 5 4.77 19.19 13.86
C LEU C 5 3.56 20.09 14.05
N HIS C 6 2.91 19.97 15.22
CA HIS C 6 1.75 20.76 15.55
C HIS C 6 2.11 22.26 15.55
N ARG C 7 3.24 22.62 16.15
CA ARG C 7 3.71 24.00 16.17
C ARG C 7 4.02 24.53 14.75
N LEU C 8 4.68 23.72 13.93
CA LEU C 8 5.02 24.09 12.54
C LEU C 8 3.78 24.29 11.62
N LEU C 9 2.74 23.49 11.85
CA LEU C 9 1.51 23.62 11.08
C LEU C 9 0.78 24.91 11.44
N GLN C 10 0.88 25.32 12.68
CA GLN C 10 0.32 26.62 13.09
C GLN C 10 1.15 27.78 12.54
N ASP C 11 2.48 27.61 12.63
CA ASP C 11 3.49 28.64 12.32
C ASP C 11 3.35 29.19 10.91
N SER C 12 3.44 30.53 10.79
CA SER C 12 3.30 31.24 9.53
C SER C 12 4.16 32.59 9.54
N LYS D 1 16.89 -25.47 -1.80
CA LYS D 1 15.68 -25.56 -0.91
C LYS D 1 14.41 -25.95 -1.66
N HIS D 2 14.00 -27.21 -1.48
CA HIS D 2 12.70 -27.67 -1.98
C HIS D 2 11.58 -26.95 -1.20
N LYS D 3 11.21 -25.77 -1.71
CA LYS D 3 10.21 -24.94 -1.07
C LYS D 3 8.85 -25.59 -1.20
N ILE D 4 8.13 -25.61 -0.09
CA ILE D 4 6.78 -26.15 -0.06
C ILE D 4 5.85 -25.45 -1.06
N LEU D 5 5.96 -24.12 -1.18
CA LEU D 5 5.05 -23.38 -2.01
C LEU D 5 5.26 -23.76 -3.48
N HIS D 6 6.53 -23.88 -3.87
CA HIS D 6 6.92 -24.36 -5.20
C HIS D 6 6.29 -25.73 -5.54
N ARG D 7 6.33 -26.67 -4.58
CA ARG D 7 5.76 -27.99 -4.80
C ARG D 7 4.24 -27.91 -4.94
N LEU D 8 3.60 -27.22 -4.00
CA LEU D 8 2.13 -27.08 -3.99
C LEU D 8 1.60 -26.45 -5.28
N LEU D 9 2.37 -25.53 -5.84
CA LEU D 9 1.97 -24.88 -7.10
C LEU D 9 1.92 -25.89 -8.27
N GLN D 10 2.58 -27.03 -8.10
CA GLN D 10 2.53 -28.10 -9.14
C GLN D 10 1.51 -29.22 -8.93
N ASP D 11 1.00 -29.34 -7.71
CA ASP D 11 0.02 -30.37 -7.38
C ASP D 11 -1.41 -29.89 -7.68
C18 EZT E . 14.86 7.04 5.88
C13 EZT E . 16.02 6.75 4.89
C12 EZT E . 16.99 7.97 4.91
C11 EZT E . 16.37 9.23 4.26
C9 EZT E . 15.86 8.91 2.82
C10 EZT E . 15.39 10.14 1.99
C1 EZT E . 16.01 11.37 2.18
C2 EZT E . 15.59 12.45 1.40
C3 EZT E . 14.56 12.30 0.46
O3 EZT E . 14.14 13.34 -0.29
C4 EZT E . 13.96 11.07 0.28
C5 EZT E . 14.37 9.98 1.02
C6 EZT E . 13.61 8.65 0.78
C7 EZT E . 14.40 7.46 1.33
C8 EZT E . 14.83 7.75 2.81
C14 EZT E . 15.53 6.52 3.44
C15 EZT E . 14.78 5.17 3.54
C16 EZT E . 15.65 4.36 4.53
C17 EZT E . 16.69 5.34 5.12
O17 EZT E . 16.93 5.06 6.52
C19 EZT E . 17.93 5.29 4.39
C20 EZT E . 18.19 4.51 3.25
C21 EZT E . 19.41 4.56 2.53
C22 EZT E . 20.64 4.75 3.18
C23 EZT E . 21.82 4.83 2.43
C24 EZT E . 21.81 4.72 1.03
C25 EZT E . 20.59 4.54 0.38
C26 EZT E . 19.40 4.47 1.12
C27 EZT E . 18.09 4.24 0.31
F02 EZT E . 18.38 4.28 -0.98
F03 EZT E . 17.53 3.04 0.52
F01 EZT E . 17.15 5.16 0.57
C18 EZT F . -0.99 -12.94 11.03
C13 EZT F . -2.14 -12.75 12.04
C12 EZT F . -2.75 -14.13 12.40
C11 EZT F . -3.59 -14.71 11.20
C9 EZT F . -4.64 -13.68 10.68
C10 EZT F . -5.66 -14.22 9.65
C1 EZT F . -6.06 -15.54 9.71
C2 EZT F . -7.00 -16.03 8.78
C3 EZT F . -7.55 -15.17 7.82
O3 EZT F . -8.45 -15.62 6.92
C4 EZT F . -7.14 -13.86 7.74
C5 EZT F . -6.20 -13.36 8.66
C6 EZT F . -5.80 -11.87 8.48
C7 EZT F . -4.96 -11.35 9.65
C8 EZT F . -3.96 -12.37 10.24
C14 EZT F . -3.23 -11.80 11.50
C15 EZT F . -2.42 -10.48 11.36
C16 EZT F . -1.48 -10.46 12.59
C17 EZT F . -1.63 -11.88 13.24
O17 EZT F . -0.34 -12.33 13.63
C19 EZT F . -2.61 -11.90 14.28
C20 EZT F . -3.47 -10.86 14.65
C21 EZT F . -4.49 -11.01 15.61
C22 EZT F . -4.34 -11.82 16.75
C23 EZT F . -5.37 -11.97 17.69
C24 EZT F . -6.62 -11.35 17.52
C25 EZT F . -6.78 -10.55 16.38
C26 EZT F . -5.76 -10.37 15.43
C27 EZT F . -6.09 -9.42 14.23
F02 EZT F . -7.32 -8.92 14.42
F03 EZT F . -5.30 -8.37 14.30
F01 EZT F . -5.96 -9.98 13.02
#